data_4I17
#
_entry.id   4I17
#
_cell.length_a   59.233
_cell.length_b   60.576
_cell.length_c   61.033
_cell.angle_alpha   90.000
_cell.angle_beta   90.000
_cell.angle_gamma   90.000
#
_symmetry.space_group_name_H-M   'P 21 21 21'
#
loop_
_entity.id
_entity.type
_entity.pdbx_description
1 polymer 'hypothetical protein'
2 non-polymer 'SULFATE ION'
3 non-polymer GLYCEROL
4 water water
#
_entity_poly.entity_id   1
_entity_poly.type   'polypeptide(L)'
_entity_poly.pdbx_seq_one_letter_code
;GAQTTDPNQLKNEGNDALNAKNYAVAFEKYSEYLKLTNNQDSVTAYNCGVCADNIKKYKEAADYFDIAIKKNYNLANAYI
GKSAAYRD(MSE)KNNQEYIATLTEGIKAVPGNATIEKLYAIYYLKEGQKFQQAGNIEKAEENYKHATDVTSKKWKTDAL
YSLGVLFYNNGADVLRKATPLASSNKEKYASEKAKADAAFKKAVDYLGEAVTLSPNRTEIKQ(MSE)QDQVKA(MSE)IK
;
_entity_poly.pdbx_strand_id   A
#
loop_
_chem_comp.id
_chem_comp.type
_chem_comp.name
_chem_comp.formula
GOL non-polymer GLYCEROL 'C3 H8 O3'
SO4 non-polymer 'SULFATE ION' 'O4 S -2'
#
# COMPACT_ATOMS: atom_id res chain seq x y z
N THR A 4 14.87 -12.77 38.58
CA THR A 4 14.46 -14.16 38.33
C THR A 4 15.38 -14.81 37.28
N THR A 5 15.70 -16.10 37.49
CA THR A 5 16.57 -16.91 36.63
C THR A 5 15.78 -17.93 35.80
N ASP A 6 14.77 -18.57 36.42
CA ASP A 6 13.91 -19.59 35.83
C ASP A 6 13.16 -19.00 34.61
N PRO A 7 13.35 -19.52 33.37
CA PRO A 7 12.65 -18.93 32.21
C PRO A 7 11.13 -18.92 32.35
N ASN A 8 10.54 -20.02 32.89
CA ASN A 8 9.09 -20.06 33.06
C ASN A 8 8.61 -18.96 33.99
N GLN A 9 9.41 -18.64 35.02
CA GLN A 9 9.13 -17.56 35.95
C GLN A 9 9.19 -16.22 35.19
N LEU A 10 10.19 -16.05 34.29
CA LEU A 10 10.29 -14.79 33.51
C LEU A 10 9.08 -14.62 32.62
N LYS A 11 8.62 -15.70 31.96
CA LYS A 11 7.44 -15.59 31.11
C LYS A 11 6.18 -15.23 31.95
N ASN A 12 6.03 -15.82 33.14
CA ASN A 12 4.89 -15.54 34.02
C ASN A 12 4.94 -14.09 34.49
N GLU A 13 6.15 -13.59 34.84
CA GLU A 13 6.35 -12.18 35.23
C GLU A 13 6.00 -11.24 34.07
N GLY A 14 6.40 -11.60 32.84
CA GLY A 14 6.05 -10.81 31.65
C GLY A 14 4.55 -10.79 31.41
N ASN A 15 3.88 -11.95 31.57
CA ASN A 15 2.41 -12.04 31.46
C ASN A 15 1.75 -11.14 32.49
N ASP A 16 2.22 -11.17 33.75
CA ASP A 16 1.66 -10.32 34.81
C ASP A 16 1.80 -8.83 34.46
N ALA A 17 2.97 -8.45 33.95
CA ALA A 17 3.22 -7.06 33.56
C ALA A 17 2.31 -6.66 32.41
N LEU A 18 2.15 -7.52 31.40
CA LEU A 18 1.30 -7.21 30.24
C LEU A 18 -0.14 -7.02 30.70
N ASN A 19 -0.60 -7.88 31.61
CA ASN A 19 -1.97 -7.79 32.16
C ASN A 19 -2.24 -6.45 32.84
N ALA A 20 -1.18 -5.78 33.34
CA ALA A 20 -1.28 -4.50 34.04
C ALA A 20 -0.93 -3.34 33.10
N LYS A 21 -0.76 -3.63 31.80
CA LYS A 21 -0.41 -2.63 30.80
C LYS A 21 1.01 -2.03 31.05
N ASN A 22 1.92 -2.79 31.73
N ASN A 22 1.89 -2.81 31.69
CA ASN A 22 3.28 -2.30 31.85
CA ASN A 22 3.27 -2.41 31.94
C ASN A 22 4.08 -2.96 30.75
C ASN A 22 4.11 -2.99 30.79
N TYR A 23 4.04 -2.36 29.57
CA TYR A 23 4.74 -2.88 28.39
C TYR A 23 6.25 -2.90 28.55
N ALA A 24 6.86 -1.93 29.30
CA ALA A 24 8.33 -1.91 29.46
C ALA A 24 8.80 -3.13 30.25
N VAL A 25 8.10 -3.46 31.34
CA VAL A 25 8.47 -4.65 32.12
C VAL A 25 8.19 -5.91 31.30
N ALA A 26 7.04 -5.97 30.60
CA ALA A 26 6.73 -7.17 29.81
C ALA A 26 7.80 -7.38 28.77
N PHE A 27 8.25 -6.30 28.12
CA PHE A 27 9.32 -6.44 27.12
C PHE A 27 10.59 -6.98 27.79
N GLU A 28 11.01 -6.41 28.92
CA GLU A 28 12.20 -6.83 29.69
CA GLU A 28 12.22 -6.85 29.62
C GLU A 28 12.14 -8.35 30.00
N LYS A 29 11.01 -8.80 30.55
CA LYS A 29 10.85 -10.19 30.98
C LYS A 29 10.75 -11.14 29.79
N TYR A 30 9.95 -10.78 28.77
CA TYR A 30 9.80 -11.64 27.60
C TYR A 30 11.10 -11.73 26.82
N SER A 31 11.80 -10.59 26.63
CA SER A 31 13.05 -10.65 25.83
C SER A 31 14.08 -11.55 26.50
N GLU A 32 14.16 -11.51 27.83
CA GLU A 32 15.09 -12.36 28.59
C GLU A 32 14.65 -13.82 28.50
N TYR A 33 13.35 -14.08 28.62
CA TYR A 33 12.82 -15.45 28.50
C TYR A 33 13.14 -16.03 27.13
N LEU A 34 12.87 -15.28 26.04
CA LEU A 34 13.13 -15.76 24.68
C LEU A 34 14.63 -15.99 24.44
N LYS A 35 15.49 -15.12 24.93
CA LYS A 35 16.95 -15.30 24.85
C LYS A 35 17.38 -16.63 25.51
N LEU A 36 16.83 -16.94 26.69
CA LEU A 36 17.21 -18.12 27.45
C LEU A 36 16.56 -19.44 26.98
N THR A 37 15.58 -19.39 26.07
CA THR A 37 14.85 -20.56 25.56
C THR A 37 14.96 -20.70 24.03
N ASN A 38 16.05 -20.16 23.47
CA ASN A 38 16.38 -20.24 22.04
C ASN A 38 15.27 -19.69 21.12
N ASN A 39 14.50 -18.68 21.59
CA ASN A 39 13.48 -17.99 20.77
C ASN A 39 12.49 -18.96 20.15
N GLN A 40 11.97 -19.89 20.93
CA GLN A 40 11.08 -20.93 20.40
C GLN A 40 9.59 -20.63 20.57
N ASP A 41 9.24 -19.82 21.57
CA ASP A 41 7.84 -19.51 21.88
C ASP A 41 7.36 -18.35 21.01
N SER A 42 6.74 -18.66 19.87
CA SER A 42 6.25 -17.64 18.94
C SER A 42 5.10 -16.78 19.50
N VAL A 43 4.26 -17.34 20.37
CA VAL A 43 3.15 -16.57 20.99
C VAL A 43 3.77 -15.42 21.83
N THR A 44 4.80 -15.76 22.64
CA THR A 44 5.50 -14.78 23.45
C THR A 44 6.29 -13.85 22.54
N ALA A 45 6.92 -14.38 21.46
CA ALA A 45 7.65 -13.49 20.53
C ALA A 45 6.73 -12.41 19.94
N TYR A 46 5.50 -12.78 19.52
CA TYR A 46 4.56 -11.83 18.97
C TYR A 46 4.23 -10.77 20.06
N ASN A 47 3.91 -11.22 21.29
CA ASN A 47 3.57 -10.28 22.37
C ASN A 47 4.74 -9.35 22.66
N CYS A 48 5.97 -9.90 22.62
CA CYS A 48 7.20 -9.14 22.88
C CYS A 48 7.38 -8.05 21.82
N GLY A 49 7.10 -8.39 20.54
CA GLY A 49 7.17 -7.42 19.44
C GLY A 49 6.23 -6.25 19.64
N VAL A 50 4.97 -6.55 20.05
CA VAL A 50 3.97 -5.48 20.33
C VAL A 50 4.48 -4.60 21.49
N CYS A 51 4.93 -5.23 22.58
CA CYS A 51 5.46 -4.47 23.74
C CYS A 51 6.62 -3.58 23.30
N ALA A 52 7.57 -4.12 22.53
CA ALA A 52 8.73 -3.34 22.02
C ALA A 52 8.28 -2.14 21.21
N ASP A 53 7.26 -2.33 20.35
CA ASP A 53 6.79 -1.23 19.53
C ASP A 53 6.13 -0.19 20.42
N ASN A 54 5.39 -0.65 21.48
CA ASN A 54 4.68 0.26 22.40
C ASN A 54 5.66 1.11 23.21
N ILE A 55 6.89 0.63 23.44
CA ILE A 55 7.84 1.42 24.23
C ILE A 55 8.91 2.05 23.31
N LYS A 56 8.63 2.06 22.01
CA LYS A 56 9.45 2.70 20.98
C LYS A 56 10.80 2.03 20.70
N LYS A 57 10.91 0.73 20.96
CA LYS A 57 12.10 -0.06 20.61
CA LYS A 57 12.11 -0.05 20.62
C LYS A 57 11.76 -0.69 19.27
N TYR A 58 11.69 0.12 18.22
CA TYR A 58 11.23 -0.34 16.91
C TYR A 58 12.07 -1.40 16.27
N LYS A 59 13.42 -1.33 16.35
CA LYS A 59 14.21 -2.35 15.69
C LYS A 59 14.02 -3.70 16.37
N GLU A 60 13.93 -3.66 17.71
CA GLU A 60 13.70 -4.85 18.53
CA GLU A 60 13.68 -4.86 18.52
C GLU A 60 12.34 -5.45 18.17
N ALA A 61 11.31 -4.58 17.99
CA ALA A 61 9.96 -5.04 17.62
C ALA A 61 10.02 -5.88 16.32
N ALA A 62 10.70 -5.33 15.30
CA ALA A 62 10.84 -5.99 14.01
C ALA A 62 11.54 -7.37 14.18
N ASP A 63 12.55 -7.45 15.06
CA ASP A 63 13.26 -8.72 15.34
C ASP A 63 12.30 -9.76 15.97
N TYR A 64 11.49 -9.37 16.93
CA TYR A 64 10.55 -10.31 17.55
C TYR A 64 9.43 -10.70 16.59
N PHE A 65 8.86 -9.75 15.81
CA PHE A 65 7.84 -10.18 14.84
C PHE A 65 8.46 -11.17 13.82
N ASP A 66 9.75 -11.03 13.50
CA ASP A 66 10.43 -11.94 12.58
C ASP A 66 10.46 -13.38 13.12
N ILE A 67 10.59 -13.53 14.45
CA ILE A 67 10.59 -14.84 15.14
C ILE A 67 9.24 -15.48 14.90
N ALA A 68 8.16 -14.73 15.13
CA ALA A 68 6.81 -15.23 14.88
C ALA A 68 6.64 -15.61 13.41
N ILE A 69 7.17 -14.76 12.48
CA ILE A 69 7.05 -15.05 11.05
C ILE A 69 7.77 -16.35 10.72
N LYS A 70 9.01 -16.53 11.22
CA LYS A 70 9.78 -17.72 10.90
CA LYS A 70 9.84 -17.71 11.00
C LYS A 70 9.14 -18.99 11.51
N LYS A 71 8.34 -18.85 12.58
CA LYS A 71 7.66 -20.01 13.17
CA LYS A 71 7.63 -19.98 13.19
C LYS A 71 6.23 -20.17 12.57
N ASN A 72 5.88 -19.36 11.54
CA ASN A 72 4.57 -19.42 10.84
C ASN A 72 3.43 -19.16 11.80
N TYR A 73 3.66 -18.27 12.77
CA TYR A 73 2.66 -18.00 13.78
C TYR A 73 1.97 -16.67 13.52
N ASN A 74 0.61 -16.67 13.55
CA ASN A 74 -0.17 -15.41 13.48
C ASN A 74 0.39 -14.50 12.39
N LEU A 75 0.61 -15.07 11.20
CA LEU A 75 1.34 -14.44 10.13
C LEU A 75 0.85 -13.10 9.68
N ALA A 76 -0.46 -12.92 9.47
CA ALA A 76 -0.92 -11.59 9.02
C ALA A 76 -0.60 -10.53 10.08
N ASN A 77 -0.87 -10.84 11.35
CA ASN A 77 -0.58 -9.88 12.42
C ASN A 77 0.91 -9.65 12.60
N ALA A 78 1.75 -10.70 12.42
CA ALA A 78 3.21 -10.57 12.57
C ALA A 78 3.79 -9.71 11.44
N TYR A 79 3.32 -9.89 10.18
CA TYR A 79 3.79 -9.01 9.08
C TYR A 79 3.32 -7.57 9.28
N ILE A 80 2.08 -7.36 9.76
CA ILE A 80 1.53 -6.02 9.99
C ILE A 80 2.34 -5.34 11.08
N GLY A 81 2.64 -6.11 12.14
CA GLY A 81 3.45 -5.61 13.24
C GLY A 81 4.85 -5.19 12.79
N LYS A 82 5.50 -6.04 12.00
CA LYS A 82 6.84 -5.75 11.49
C LYS A 82 6.79 -4.51 10.60
N SER A 83 5.78 -4.43 9.70
CA SER A 83 5.63 -3.25 8.81
CA SER A 83 5.63 -3.25 8.81
C SER A 83 5.44 -1.99 9.66
N ALA A 84 4.57 -2.05 10.69
CA ALA A 84 4.28 -0.91 11.57
C ALA A 84 5.54 -0.42 12.26
N ALA A 85 6.42 -1.34 12.66
CA ALA A 85 7.67 -0.99 13.32
C ALA A 85 8.54 -0.17 12.35
N TYR A 86 8.58 -0.57 11.06
CA TYR A 86 9.35 0.18 10.05
C TYR A 86 8.71 1.54 9.73
N ARG A 87 7.36 1.63 9.74
CA ARG A 87 6.61 2.87 9.57
CA ARG A 87 6.64 2.88 9.55
C ARG A 87 7.00 3.83 10.71
N ASP A 88 7.08 3.31 11.95
CA ASP A 88 7.46 4.07 13.16
C ASP A 88 8.93 4.53 13.08
N MSE A 89 9.79 3.76 12.38
CA MSE A 89 11.20 4.14 12.11
C MSE A 89 11.29 5.10 10.92
O MSE A 89 12.41 5.46 10.52
CB MSE A 89 12.06 2.91 11.82
CG MSE A 89 12.47 2.16 13.08
SE MSE A 89 13.48 0.56 12.62
CE MSE A 89 12.13 -0.86 12.68
N LYS A 90 10.13 5.46 10.32
CA LYS A 90 10.00 6.36 9.16
C LYS A 90 10.79 5.77 7.97
N ASN A 91 10.62 4.44 7.78
CA ASN A 91 11.31 3.76 6.70
C ASN A 91 10.26 3.21 5.76
N ASN A 92 9.84 4.02 4.80
CA ASN A 92 8.78 3.62 3.84
C ASN A 92 9.16 2.43 2.96
N GLN A 93 10.43 2.33 2.54
CA GLN A 93 10.82 1.24 1.66
CA GLN A 93 10.88 1.26 1.67
C GLN A 93 10.70 -0.10 2.36
N GLU A 94 11.11 -0.18 3.61
CA GLU A 94 11.00 -1.45 4.35
C GLU A 94 9.56 -1.68 4.75
N TYR A 95 8.79 -0.59 4.98
CA TYR A 95 7.36 -0.73 5.30
C TYR A 95 6.64 -1.46 4.16
N ILE A 96 6.78 -0.96 2.91
CA ILE A 96 6.09 -1.58 1.78
C ILE A 96 6.74 -2.92 1.37
N ALA A 97 8.06 -3.08 1.55
CA ALA A 97 8.71 -4.38 1.25
C ALA A 97 8.16 -5.48 2.17
N THR A 98 7.92 -5.16 3.44
CA THR A 98 7.36 -6.11 4.42
C THR A 98 5.93 -6.41 4.08
N LEU A 99 5.12 -5.39 3.76
CA LEU A 99 3.74 -5.68 3.37
C LEU A 99 3.71 -6.55 2.10
N THR A 100 4.66 -6.34 1.16
CA THR A 100 4.72 -7.11 -0.09
C THR A 100 5.00 -8.57 0.25
N GLU A 101 5.95 -8.83 1.17
CA GLU A 101 6.25 -10.18 1.64
C GLU A 101 5.02 -10.79 2.31
N GLY A 102 4.29 -9.98 3.08
CA GLY A 102 3.08 -10.43 3.76
C GLY A 102 1.95 -10.81 2.82
N ILE A 103 1.71 -10.01 1.73
CA ILE A 103 0.64 -10.32 0.75
C ILE A 103 0.98 -11.60 -0.02
N LYS A 104 2.27 -11.89 -0.21
CA LYS A 104 2.74 -13.11 -0.86
C LYS A 104 2.56 -14.31 0.06
N ALA A 105 2.77 -14.14 1.37
CA ALA A 105 2.65 -15.25 2.33
C ALA A 105 1.19 -15.58 2.67
N VAL A 106 0.35 -14.55 2.89
CA VAL A 106 -1.07 -14.69 3.24
C VAL A 106 -1.92 -13.93 2.18
N PRO A 107 -2.04 -14.46 0.93
CA PRO A 107 -2.87 -13.76 -0.06
C PRO A 107 -4.33 -13.66 0.38
N GLY A 108 -4.97 -12.56 0.03
CA GLY A 108 -6.37 -12.32 0.35
C GLY A 108 -6.64 -12.01 1.81
N ASN A 109 -5.60 -11.54 2.56
CA ASN A 109 -5.82 -11.14 3.95
C ASN A 109 -6.31 -9.69 3.85
N ALA A 110 -7.55 -9.42 4.32
CA ALA A 110 -8.18 -8.09 4.23
C ALA A 110 -7.28 -6.95 4.75
N THR A 111 -6.78 -7.05 6.00
CA THR A 111 -6.01 -5.95 6.60
C THR A 111 -4.67 -5.71 5.83
N ILE A 112 -3.90 -6.77 5.47
CA ILE A 112 -2.64 -6.59 4.72
C ILE A 112 -2.95 -5.97 3.33
N GLU A 113 -3.99 -6.46 2.62
CA GLU A 113 -4.33 -5.88 1.32
C GLU A 113 -4.70 -4.42 1.46
N LYS A 114 -5.44 -4.04 2.53
CA LYS A 114 -5.82 -2.63 2.72
CA LYS A 114 -5.83 -2.64 2.77
C LYS A 114 -4.58 -1.78 2.89
N LEU A 115 -3.64 -2.17 3.77
CA LEU A 115 -2.41 -1.39 3.99
C LEU A 115 -1.55 -1.26 2.71
N TYR A 116 -1.41 -2.36 1.99
CA TYR A 116 -0.63 -2.40 0.74
C TYR A 116 -1.24 -1.44 -0.28
N ALA A 117 -2.54 -1.60 -0.52
CA ALA A 117 -3.21 -0.78 -1.50
C ALA A 117 -3.22 0.69 -1.06
N ILE A 118 -3.43 0.99 0.24
CA ILE A 118 -3.46 2.41 0.67
C ILE A 118 -2.10 3.05 0.41
N TYR A 119 -1.03 2.31 0.67
CA TYR A 119 0.33 2.83 0.46
C TYR A 119 0.52 3.29 -0.99
N TYR A 120 0.22 2.39 -1.93
CA TYR A 120 0.41 2.67 -3.34
C TYR A 120 -0.60 3.71 -3.87
N LEU A 121 -1.84 3.74 -3.35
CA LEU A 121 -2.79 4.78 -3.81
C LEU A 121 -2.31 6.17 -3.34
N LYS A 122 -1.77 6.26 -2.12
CA LYS A 122 -1.23 7.51 -1.57
C LYS A 122 0.01 7.96 -2.33
N GLU A 123 0.91 7.00 -2.68
CA GLU A 123 2.10 7.30 -3.50
C GLU A 123 1.68 7.79 -4.88
N GLY A 124 0.72 7.10 -5.52
CA GLY A 124 0.23 7.51 -6.83
C GLY A 124 -0.34 8.92 -6.81
N GLN A 125 -1.12 9.24 -5.74
CA GLN A 125 -1.75 10.56 -5.55
C GLN A 125 -0.69 11.64 -5.40
N LYS A 126 0.36 11.34 -4.64
CA LYS A 126 1.48 12.26 -4.41
C LYS A 126 2.19 12.57 -5.74
N PHE A 127 2.46 11.55 -6.57
CA PHE A 127 3.12 11.76 -7.86
C PHE A 127 2.21 12.44 -8.87
N GLN A 128 0.91 12.13 -8.85
CA GLN A 128 -0.07 12.76 -9.73
C GLN A 128 -0.17 14.27 -9.43
N GLN A 129 -0.18 14.63 -8.13
CA GLN A 129 -0.24 16.03 -7.68
C GLN A 129 1.02 16.81 -8.10
N ALA A 130 2.18 16.13 -8.19
CA ALA A 130 3.44 16.73 -8.61
C ALA A 130 3.65 16.65 -10.15
N GLY A 131 2.62 16.23 -10.88
CA GLY A 131 2.63 16.12 -12.34
C GLY A 131 3.49 15.03 -12.93
N ASN A 132 3.92 14.03 -12.10
CA ASN A 132 4.74 12.93 -12.61
C ASN A 132 3.80 11.77 -13.00
N ILE A 133 3.31 11.79 -14.27
CA ILE A 133 2.36 10.81 -14.80
C ILE A 133 2.92 9.38 -14.79
N GLU A 134 4.17 9.16 -15.26
CA GLU A 134 4.77 7.83 -15.31
C GLU A 134 4.86 7.18 -13.91
N LYS A 135 5.29 7.94 -12.89
CA LYS A 135 5.44 7.38 -11.56
C LYS A 135 4.09 7.24 -10.89
N ALA A 136 3.12 8.13 -11.19
CA ALA A 136 1.76 7.95 -10.65
C ALA A 136 1.18 6.65 -11.18
N GLU A 137 1.36 6.39 -12.47
CA GLU A 137 0.84 5.20 -13.13
C GLU A 137 1.48 3.94 -12.54
N GLU A 138 2.82 3.94 -12.36
CA GLU A 138 3.54 2.80 -11.77
CA GLU A 138 3.53 2.80 -11.77
C GLU A 138 2.96 2.45 -10.39
N ASN A 139 2.72 3.46 -9.54
CA ASN A 139 2.19 3.26 -8.19
C ASN A 139 0.74 2.78 -8.22
N TYR A 140 -0.14 3.43 -9.01
CA TYR A 140 -1.52 2.94 -9.06
C TYR A 140 -1.58 1.52 -9.63
N LYS A 141 -0.70 1.17 -10.58
CA LYS A 141 -0.67 -0.23 -11.11
C LYS A 141 -0.33 -1.23 -10.03
N HIS A 142 0.59 -0.87 -9.12
CA HIS A 142 0.91 -1.76 -7.99
C HIS A 142 -0.28 -1.95 -7.08
N ALA A 143 -1.13 -0.91 -6.92
CA ALA A 143 -2.32 -1.07 -6.06
C ALA A 143 -3.33 -2.04 -6.71
N THR A 144 -3.20 -2.34 -8.01
CA THR A 144 -4.10 -3.31 -8.68
C THR A 144 -3.67 -4.75 -8.39
N ASP A 145 -2.49 -4.98 -7.72
CA ASP A 145 -1.95 -6.32 -7.36
C ASP A 145 -2.74 -7.02 -6.24
N VAL A 146 -3.66 -6.31 -5.59
CA VAL A 146 -4.49 -6.89 -4.54
C VAL A 146 -5.54 -7.80 -5.20
N THR A 147 -6.05 -8.78 -4.48
CA THR A 147 -7.04 -9.71 -5.03
C THR A 147 -8.45 -9.12 -4.92
N SER A 148 -8.65 -8.18 -3.99
CA SER A 148 -9.94 -7.53 -3.75
C SER A 148 -10.41 -6.78 -4.99
N LYS A 149 -11.62 -7.11 -5.52
CA LYS A 149 -12.18 -6.40 -6.68
C LYS A 149 -12.47 -4.93 -6.35
N LYS A 150 -12.88 -4.63 -5.10
CA LYS A 150 -13.17 -3.26 -4.67
CA LYS A 150 -13.18 -3.27 -4.69
C LYS A 150 -11.93 -2.39 -4.71
N TRP A 151 -10.83 -2.88 -4.15
CA TRP A 151 -9.59 -2.11 -4.12
C TRP A 151 -8.99 -2.01 -5.50
N LYS A 152 -9.17 -3.05 -6.32
CA LYS A 152 -8.70 -2.99 -7.71
C LYS A 152 -9.47 -1.90 -8.43
N THR A 153 -10.78 -1.82 -8.19
CA THR A 153 -11.63 -0.82 -8.84
C THR A 153 -11.12 0.57 -8.54
N ASP A 154 -10.79 0.91 -7.28
CA ASP A 154 -10.38 2.31 -7.11
C ASP A 154 -8.92 2.60 -7.61
N ALA A 155 -8.07 1.57 -7.77
CA ALA A 155 -6.75 1.80 -8.40
C ALA A 155 -6.99 2.05 -9.91
N LEU A 156 -7.91 1.29 -10.54
CA LEU A 156 -8.24 1.46 -11.97
C LEU A 156 -8.94 2.78 -12.21
N TYR A 157 -9.86 3.17 -11.30
CA TYR A 157 -10.53 4.45 -11.43
C TYR A 157 -9.50 5.61 -11.31
N SER A 158 -8.52 5.50 -10.39
CA SER A 158 -7.45 6.51 -10.23
C SER A 158 -6.63 6.59 -11.52
N LEU A 159 -6.36 5.43 -12.18
CA LEU A 159 -5.61 5.40 -13.46
C LEU A 159 -6.44 6.06 -14.56
N GLY A 160 -7.73 5.81 -14.56
CA GLY A 160 -8.63 6.44 -15.54
C GLY A 160 -8.62 7.95 -15.42
N VAL A 161 -8.73 8.46 -14.17
CA VAL A 161 -8.72 9.92 -13.95
C VAL A 161 -7.35 10.51 -14.33
N LEU A 162 -6.26 9.82 -13.93
CA LEU A 162 -4.89 10.28 -14.24
C LEU A 162 -4.75 10.52 -15.74
N PHE A 163 -5.11 9.50 -16.54
CA PHE A 163 -4.98 9.64 -18.02
C PHE A 163 -6.02 10.58 -18.64
N TYR A 164 -7.23 10.67 -18.09
N TYR A 164 -7.22 10.66 -18.11
CA TYR A 164 -8.25 11.61 -18.57
CA TYR A 164 -8.17 11.63 -18.67
C TYR A 164 -7.76 13.07 -18.36
C TYR A 164 -7.64 13.05 -18.43
N ASN A 165 -7.16 13.33 -17.19
CA ASN A 165 -6.62 14.69 -16.88
C ASN A 165 -5.42 15.00 -17.75
N ASN A 166 -4.59 13.99 -18.00
CA ASN A 166 -3.44 14.16 -18.85
C ASN A 166 -3.87 14.47 -20.31
N GLY A 167 -4.81 13.70 -20.86
CA GLY A 167 -5.33 13.96 -22.20
C GLY A 167 -5.95 15.35 -22.30
N ALA A 168 -6.73 15.77 -21.29
CA ALA A 168 -7.37 17.12 -21.26
C ALA A 168 -6.32 18.22 -21.22
N ASP A 169 -5.25 18.02 -20.43
CA ASP A 169 -4.15 18.99 -20.32
CA ASP A 169 -4.21 19.05 -20.36
C ASP A 169 -3.43 19.12 -21.68
N VAL A 170 -3.24 17.99 -22.35
CA VAL A 170 -2.56 18.00 -23.66
C VAL A 170 -3.45 18.73 -24.69
N LEU A 171 -4.76 18.42 -24.68
CA LEU A 171 -5.76 19.06 -25.57
C LEU A 171 -5.82 20.58 -25.31
N ARG A 172 -5.78 20.99 -24.04
CA ARG A 172 -5.76 22.39 -23.63
C ARG A 172 -4.60 23.12 -24.31
N LYS A 173 -3.38 22.57 -24.18
CA LYS A 173 -2.18 23.20 -24.75
C LYS A 173 -2.14 23.16 -26.28
N ALA A 174 -2.93 22.29 -26.91
CA ALA A 174 -2.92 22.15 -28.37
C ALA A 174 -3.86 23.11 -29.08
N THR A 175 -4.91 23.62 -28.40
CA THR A 175 -5.88 24.50 -29.05
C THR A 175 -5.22 25.69 -29.80
N PRO A 176 -4.31 26.47 -29.17
CA PRO A 176 -3.71 27.60 -29.88
C PRO A 176 -2.86 27.22 -31.10
N LEU A 177 -2.50 25.94 -31.21
CA LEU A 177 -1.63 25.47 -32.29
C LEU A 177 -2.40 25.17 -33.56
N ALA A 178 -3.72 24.98 -33.48
CA ALA A 178 -4.52 24.57 -34.63
C ALA A 178 -4.33 25.49 -35.83
N SER A 179 -4.14 26.82 -35.61
CA SER A 179 -3.96 27.78 -36.70
CA SER A 179 -3.96 27.76 -36.71
C SER A 179 -2.58 28.45 -36.66
N SER A 180 -1.65 27.93 -35.85
CA SER A 180 -0.32 28.58 -35.81
C SER A 180 0.81 27.56 -36.03
N ASN A 181 0.58 26.28 -35.68
CA ASN A 181 1.64 25.27 -35.81
C ASN A 181 0.99 23.90 -36.01
N LYS A 182 0.54 23.63 -37.22
CA LYS A 182 -0.23 22.39 -37.50
C LYS A 182 0.59 21.13 -37.26
N GLU A 183 1.93 21.19 -37.44
CA GLU A 183 2.86 20.09 -37.17
C GLU A 183 2.78 19.66 -35.68
N LYS A 184 2.89 20.65 -34.79
CA LYS A 184 2.84 20.41 -33.35
C LYS A 184 1.42 20.07 -32.93
N TYR A 185 0.41 20.70 -33.55
CA TYR A 185 -0.98 20.37 -33.25
C TYR A 185 -1.26 18.88 -33.52
N ALA A 186 -0.77 18.32 -34.65
CA ALA A 186 -1.01 16.90 -34.94
C ALA A 186 -0.32 16.02 -33.90
N SER A 187 0.91 16.41 -33.48
CA SER A 187 1.67 15.66 -32.47
CA SER A 187 1.66 15.66 -32.45
C SER A 187 0.91 15.65 -31.14
N GLU A 188 0.45 16.82 -30.70
CA GLU A 188 -0.27 16.91 -29.43
C GLU A 188 -1.60 16.21 -29.47
N LYS A 189 -2.35 16.29 -30.59
CA LYS A 189 -3.64 15.61 -30.74
CA LYS A 189 -3.64 15.61 -30.68
C LYS A 189 -3.45 14.10 -30.60
N ALA A 190 -2.35 13.55 -31.19
CA ALA A 190 -2.08 12.10 -31.13
C ALA A 190 -1.75 11.72 -29.70
N LYS A 191 -0.99 12.57 -28.98
CA LYS A 191 -0.69 12.30 -27.56
C LYS A 191 -1.97 12.30 -26.71
N ALA A 192 -2.88 13.26 -26.96
CA ALA A 192 -4.14 13.32 -26.20
C ALA A 192 -4.98 12.08 -26.46
N ASP A 193 -5.11 11.69 -27.75
CA ASP A 193 -5.86 10.49 -28.17
CA ASP A 193 -5.90 10.52 -28.12
C ASP A 193 -5.36 9.24 -27.46
N ALA A 194 -4.03 9.08 -27.38
CA ALA A 194 -3.43 7.91 -26.68
C ALA A 194 -3.80 7.92 -25.18
N ALA A 195 -3.72 9.09 -24.53
CA ALA A 195 -4.09 9.23 -23.10
C ALA A 195 -5.56 8.89 -22.91
N PHE A 196 -6.45 9.44 -23.75
CA PHE A 196 -7.90 9.17 -23.63
C PHE A 196 -8.21 7.71 -23.86
N LYS A 197 -7.52 7.07 -24.82
CA LYS A 197 -7.75 5.66 -25.05
C LYS A 197 -7.29 4.82 -23.85
N LYS A 198 -6.17 5.18 -23.20
CA LYS A 198 -5.76 4.45 -21.97
C LYS A 198 -6.78 4.64 -20.89
N ALA A 199 -7.27 5.88 -20.73
CA ALA A 199 -8.30 6.22 -19.74
C ALA A 199 -9.60 5.39 -19.94
N VAL A 200 -10.10 5.29 -21.19
CA VAL A 200 -11.33 4.56 -21.48
CA VAL A 200 -11.35 4.56 -21.42
C VAL A 200 -11.18 3.09 -21.07
N ASP A 201 -10.00 2.52 -21.35
CA ASP A 201 -9.72 1.11 -21.05
C ASP A 201 -9.63 0.88 -19.54
N TYR A 202 -8.90 1.74 -18.79
CA TYR A 202 -8.83 1.55 -17.32
C TYR A 202 -10.21 1.72 -16.69
N LEU A 203 -10.95 2.71 -17.15
CA LEU A 203 -12.28 2.96 -16.58
C LEU A 203 -13.23 1.83 -16.93
N GLY A 204 -13.13 1.30 -18.14
CA GLY A 204 -13.92 0.15 -18.56
C GLY A 204 -13.69 -1.05 -17.66
N GLU A 205 -12.41 -1.30 -17.31
N GLU A 205 -12.42 -1.34 -17.28
CA GLU A 205 -11.98 -2.37 -16.41
CA GLU A 205 -12.14 -2.47 -16.39
C GLU A 205 -12.61 -2.20 -15.02
C GLU A 205 -12.73 -2.20 -14.99
N ALA A 206 -12.66 -0.95 -14.51
CA ALA A 206 -13.23 -0.58 -13.20
C ALA A 206 -14.75 -0.79 -13.18
N VAL A 207 -15.45 -0.35 -14.26
CA VAL A 207 -16.90 -0.52 -14.42
C VAL A 207 -17.24 -2.04 -14.39
N THR A 208 -16.44 -2.86 -15.10
CA THR A 208 -16.67 -4.32 -15.13
C THR A 208 -16.58 -4.91 -13.72
N LEU A 209 -15.59 -4.50 -12.93
CA LEU A 209 -15.47 -5.05 -11.57
C LEU A 209 -16.53 -4.53 -10.61
N SER A 210 -16.95 -3.24 -10.77
CA SER A 210 -17.89 -2.60 -9.86
C SER A 210 -18.99 -1.88 -10.63
N PRO A 211 -19.94 -2.65 -11.19
CA PRO A 211 -21.03 -2.02 -11.98
C PRO A 211 -21.91 -1.11 -11.13
N ASN A 212 -21.88 -1.23 -9.79
CA ASN A 212 -22.70 -0.36 -8.91
C ASN A 212 -22.10 1.05 -8.78
N ARG A 213 -20.85 1.25 -9.21
CA ARG A 213 -20.17 2.55 -9.06
C ARG A 213 -20.52 3.41 -10.27
N THR A 214 -21.73 3.98 -10.27
CA THR A 214 -22.26 4.71 -11.44
C THR A 214 -21.42 5.91 -11.86
N GLU A 215 -20.68 6.52 -10.93
CA GLU A 215 -19.84 7.67 -11.31
C GLU A 215 -18.68 7.24 -12.20
N ILE A 216 -18.20 5.98 -12.07
CA ILE A 216 -17.12 5.53 -12.93
C ILE A 216 -17.62 5.40 -14.36
N LYS A 217 -18.84 4.88 -14.53
CA LYS A 217 -19.45 4.74 -15.86
C LYS A 217 -19.63 6.13 -16.47
N GLN A 218 -20.08 7.11 -15.66
CA GLN A 218 -20.27 8.47 -16.16
CA GLN A 218 -20.28 8.48 -16.14
C GLN A 218 -18.95 9.07 -16.60
N MSE A 219 -17.88 8.83 -15.85
CA MSE A 219 -16.60 9.39 -16.29
CA MSE A 219 -16.55 9.32 -16.22
C MSE A 219 -16.12 8.71 -17.56
O MSE A 219 -15.59 9.39 -18.44
CB MSE A 219 -15.54 9.36 -15.20
CB MSE A 219 -15.55 8.98 -15.08
CG MSE A 219 -14.20 9.79 -15.76
CG MSE A 219 -14.15 9.51 -15.33
SE MSE A 219 -12.89 9.90 -14.44
SE MSE A 219 -14.13 11.45 -15.35
CE MSE A 219 -13.33 11.70 -13.78
CE MSE A 219 -14.21 11.74 -13.46
N GLN A 220 -16.33 7.39 -17.70
CA GLN A 220 -15.91 6.71 -18.93
C GLN A 220 -16.65 7.32 -20.14
N ASP A 221 -17.94 7.65 -19.96
CA ASP A 221 -18.72 8.30 -21.02
C ASP A 221 -18.12 9.64 -21.39
N GLN A 222 -17.65 10.43 -20.39
CA GLN A 222 -17.02 11.73 -20.65
C GLN A 222 -15.74 11.52 -21.46
N VAL A 223 -14.93 10.50 -21.12
CA VAL A 223 -13.69 10.24 -21.88
C VAL A 223 -14.05 9.83 -23.32
N LYS A 224 -15.02 8.91 -23.49
CA LYS A 224 -15.44 8.48 -24.84
C LYS A 224 -15.85 9.67 -25.71
N ALA A 225 -16.45 10.71 -25.11
CA ALA A 225 -16.87 11.91 -25.86
C ALA A 225 -15.66 12.70 -26.41
N MSE A 226 -14.46 12.47 -25.87
CA MSE A 226 -13.21 13.13 -26.28
C MSE A 226 -12.51 12.42 -27.42
O MSE A 226 -11.61 12.98 -28.02
CB MSE A 226 -12.26 13.21 -25.08
CG MSE A 226 -12.86 13.92 -23.91
SE MSE A 226 -12.93 15.80 -24.32
CE MSE A 226 -11.72 16.28 -22.85
N ILE A 227 -12.89 11.18 -27.69
CA ILE A 227 -12.30 10.37 -28.75
C ILE A 227 -13.14 10.51 -30.03
S SO4 B . -18.55 -0.19 -2.92
O1 SO4 B . -17.25 0.43 -3.13
O2 SO4 B . -18.54 -0.88 -1.63
O3 SO4 B . -19.60 0.82 -2.91
O4 SO4 B . -18.80 -1.14 -4.00
S SO4 C . 4.93 1.31 29.94
O1 SO4 C . 5.82 0.33 30.42
O2 SO4 C . 3.80 0.70 29.25
O3 SO4 C . 4.39 2.09 31.05
O4 SO4 C . 5.65 2.22 29.04
S SO4 D . -14.24 -7.91 -2.93
O1 SO4 D . -13.40 -7.04 -2.10
O2 SO4 D . -13.44 -8.67 -3.92
O3 SO4 D . -14.94 -8.85 -2.04
O4 SO4 D . -15.23 -7.11 -3.64
C1 GOL E . 6.51 10.05 17.79
O1 GOL E . 5.46 9.17 18.19
C2 GOL E . 7.85 9.57 18.30
O2 GOL E . 7.79 9.40 19.72
C3 GOL E . 8.26 8.27 17.65
O3 GOL E . 9.56 7.88 18.06
#